data_1JNP
#
_entry.id   1JNP
#
_cell.length_a   89.323
_cell.length_b   115.911
_cell.length_c   37.945
_cell.angle_alpha   90.00
_cell.angle_beta   115.15
_cell.angle_gamma   90.00
#
_symmetry.space_group_name_H-M   'C 1 2 1'
#
loop_
_entity.id
_entity.type
_entity.pdbx_description
1 polymer 'T-CELL LEUKEMIA/LYMPHOMA PROTEIN 1A'
2 water water
#
_entity_poly.entity_id   1
_entity_poly.type   'polypeptide(L)'
_entity_poly.pdbx_seq_one_letter_code
;MATQRAHRAETPAHPNRLWIWEKHVYLDEFRRSWLPVVIKSNEKFQVILRQEDVTLGEAMSPSQLVPYELPLMWQLYPKD
RYRSADSMYWQILYHIKFRDVEDMLLELIDSESNDE
;
_entity_poly.pdbx_strand_id   A,B
#
# COMPACT_ATOMS: atom_id res chain seq x y z
N ARG A 8 14.71 -23.06 8.30
CA ARG A 8 14.26 -22.85 9.67
C ARG A 8 15.03 -21.73 10.36
N ALA A 9 15.59 -20.82 9.57
CA ALA A 9 16.41 -19.74 10.10
C ALA A 9 15.73 -18.37 10.02
N GLU A 10 16.22 -17.44 10.82
CA GLU A 10 15.69 -16.08 10.90
C GLU A 10 15.99 -15.25 9.67
N THR A 11 15.27 -14.15 9.53
CA THR A 11 15.40 -13.27 8.37
C THR A 11 16.06 -11.96 8.75
N PRO A 12 17.18 -11.66 8.10
CA PRO A 12 17.89 -10.40 8.34
C PRO A 12 16.98 -9.21 8.02
N ALA A 13 16.88 -8.86 6.75
CA ALA A 13 16.16 -7.67 6.30
C ALA A 13 14.78 -7.56 6.94
N HIS A 14 14.52 -6.41 7.57
CA HIS A 14 13.23 -6.27 8.23
C HIS A 14 12.39 -5.22 7.50
N PRO A 15 11.08 -5.42 7.44
CA PRO A 15 10.21 -4.44 6.79
C PRO A 15 10.36 -3.07 7.47
N ASN A 16 10.17 -1.98 6.74
CA ASN A 16 10.23 -0.67 7.35
C ASN A 16 8.91 -0.33 8.03
N ARG A 17 7.81 -0.51 7.30
CA ARG A 17 6.52 -0.09 7.85
C ARG A 17 5.51 -1.23 7.76
N LEU A 18 4.65 -1.31 8.77
CA LEU A 18 3.56 -2.28 8.83
C LEU A 18 2.23 -1.56 9.03
N TRP A 19 1.67 -1.06 7.93
CA TRP A 19 0.37 -0.41 8.02
C TRP A 19 -0.67 -1.45 8.42
N ILE A 20 -1.78 -1.05 9.03
CA ILE A 20 -2.87 -2.01 9.22
C ILE A 20 -3.75 -1.97 7.99
N TRP A 21 -4.12 -3.11 7.42
CA TRP A 21 -5.04 -3.04 6.29
C TRP A 21 -6.47 -3.25 6.75
N GLU A 22 -6.69 -4.47 7.21
CA GLU A 22 -7.88 -4.94 7.89
C GLU A 22 -7.52 -5.09 9.37
N LYS A 23 -8.52 -5.32 10.21
CA LYS A 23 -8.35 -5.57 11.64
C LYS A 23 -7.20 -6.58 11.84
N HIS A 24 -7.42 -7.69 11.23
CA HIS A 24 -6.94 -8.94 10.77
C HIS A 24 -5.61 -8.88 10.02
N VAL A 25 -5.38 -7.86 9.20
CA VAL A 25 -4.29 -7.92 8.22
C VAL A 25 -3.40 -6.69 8.18
N TYR A 26 -2.09 -6.89 8.11
CA TYR A 26 -1.13 -5.80 7.99
C TYR A 26 -0.36 -5.86 6.66
N LEU A 27 -0.13 -4.70 6.06
CA LEU A 27 0.69 -4.61 4.86
C LEU A 27 1.88 -3.67 5.05
N ASP A 28 2.98 -4.07 4.42
CA ASP A 28 4.22 -3.30 4.48
C ASP A 28 4.51 -2.64 3.13
N GLU A 29 5.72 -2.12 2.99
CA GLU A 29 6.12 -1.38 1.80
C GLU A 29 6.48 -2.31 0.64
N PHE A 30 6.65 -3.59 0.96
CA PHE A 30 6.95 -4.57 -0.06
C PHE A 30 5.65 -5.20 -0.55
N ARG A 31 4.53 -4.56 -0.23
CA ARG A 31 3.20 -5.02 -0.55
C ARG A 31 2.92 -6.40 0.02
N ARG A 32 3.67 -6.76 1.07
CA ARG A 32 3.73 -8.08 1.66
C ARG A 32 2.82 -8.21 2.88
N SER A 33 1.70 -8.91 2.69
CA SER A 33 0.76 -9.11 3.78
C SER A 33 1.35 -9.99 4.87
N TRP A 34 1.11 -9.52 6.07
CA TRP A 34 1.42 -10.07 7.38
C TRP A 34 0.14 -10.15 8.23
N LEU A 35 -0.18 -11.32 8.75
CA LEU A 35 -1.37 -11.40 9.60
C LEU A 35 -0.98 -11.71 11.05
N PRO A 36 -1.55 -10.97 11.99
CA PRO A 36 -1.42 -11.32 13.40
C PRO A 36 -2.26 -12.54 13.73
N VAL A 37 -1.63 -13.63 14.19
CA VAL A 37 -2.49 -14.80 14.46
C VAL A 37 -2.59 -15.14 15.93
N VAL A 38 -1.70 -14.66 16.79
CA VAL A 38 -1.84 -14.90 18.23
C VAL A 38 -1.43 -13.66 19.02
N ILE A 39 -2.07 -13.43 20.17
CA ILE A 39 -1.71 -12.31 21.02
C ILE A 39 -1.57 -12.71 22.48
N LYS A 40 -0.49 -13.38 22.85
CA LYS A 40 -0.24 -13.79 24.23
C LYS A 40 0.10 -12.58 25.11
N SER A 41 -0.31 -12.64 26.37
CA SER A 41 -0.18 -11.57 27.34
C SER A 41 0.26 -12.00 28.73
N ASN A 42 1.10 -11.20 29.40
CA ASN A 42 1.33 -11.43 30.83
C ASN A 42 1.57 -10.12 31.59
N GLU A 43 2.15 -9.18 30.89
CA GLU A 43 2.42 -7.77 31.13
C GLU A 43 2.44 -7.09 29.75
N LYS A 44 3.38 -7.64 29.01
CA LYS A 44 3.69 -7.39 27.62
C LYS A 44 3.06 -8.47 26.74
N PHE A 45 2.17 -8.05 25.85
CA PHE A 45 1.60 -9.01 24.91
C PHE A 45 2.58 -9.21 23.74
N GLN A 46 2.27 -10.22 22.93
CA GLN A 46 3.12 -10.59 21.80
C GLN A 46 2.31 -11.08 20.61
N VAL A 47 2.58 -10.48 19.44
CA VAL A 47 1.82 -10.84 18.25
C VAL A 47 2.70 -11.50 17.20
N ILE A 48 2.30 -12.70 16.80
CA ILE A 48 2.92 -13.45 15.71
C ILE A 48 2.28 -13.06 14.38
N LEU A 49 2.94 -12.22 13.61
CA LEU A 49 2.42 -11.86 12.29
C LEU A 49 3.01 -12.78 11.24
N ARG A 50 2.19 -13.71 10.77
CA ARG A 50 2.66 -14.63 9.73
C ARG A 50 2.44 -14.02 8.36
N GLN A 51 3.46 -14.12 7.51
CA GLN A 51 3.31 -13.63 6.13
C GLN A 51 2.29 -14.51 5.41
N GLU A 52 1.21 -13.94 4.90
CA GLU A 52 0.21 -14.78 4.23
C GLU A 52 -0.15 -14.19 2.88
N ASP A 53 -0.72 -15.00 1.99
CA ASP A 53 -1.02 -14.57 0.63
C ASP A 53 -2.36 -13.85 0.52
N VAL A 54 -2.46 -13.00 -0.50
CA VAL A 54 -3.67 -12.20 -0.64
C VAL A 54 -3.78 -11.53 -2.00
N THR A 55 -4.93 -11.59 -2.63
CA THR A 55 -6.21 -12.18 -2.34
C THR A 55 -6.87 -11.54 -1.10
N LEU A 56 -6.93 -10.23 -1.16
CA LEU A 56 -7.63 -9.36 -0.22
C LEU A 56 -7.47 -7.91 -0.69
N GLY A 57 -8.37 -7.03 -0.28
CA GLY A 57 -8.27 -5.64 -0.70
C GLY A 57 -9.15 -4.69 0.07
N GLU A 58 -9.20 -3.46 -0.43
CA GLU A 58 -9.99 -2.37 0.12
C GLU A 58 -9.31 -1.80 1.36
N ALA A 59 -8.36 -0.90 1.16
CA ALA A 59 -7.68 -0.30 2.31
C ALA A 59 -8.70 0.31 3.26
N MET A 60 -8.90 -0.35 4.39
CA MET A 60 -9.93 0.05 5.34
C MET A 60 -9.37 0.94 6.44
N SER A 61 -10.14 1.92 6.85
CA SER A 61 -9.92 3.02 7.76
C SER A 61 -9.83 2.63 9.23
N PRO A 62 -9.20 3.49 10.04
CA PRO A 62 -9.17 3.27 11.49
C PRO A 62 -10.61 3.19 12.02
N SER A 63 -11.35 4.23 11.66
CA SER A 63 -12.77 4.39 11.96
C SER A 63 -13.50 3.08 11.75
N GLN A 64 -13.39 2.54 10.53
CA GLN A 64 -14.02 1.26 10.23
C GLN A 64 -13.14 0.10 10.70
N LEU A 65 -12.34 0.32 11.74
CA LEU A 65 -11.54 -0.79 12.27
C LEU A 65 -12.07 -1.28 13.61
N VAL A 66 -11.86 -0.69 14.75
CA VAL A 66 -11.19 0.46 15.31
C VAL A 66 -10.68 0.19 16.72
N PRO A 67 -11.48 -0.36 17.63
CA PRO A 67 -10.94 -0.66 18.98
C PRO A 67 -9.93 -1.80 18.81
N TYR A 68 -8.72 -1.60 19.32
CA TYR A 68 -7.66 -2.52 18.88
C TYR A 68 -6.61 -2.73 19.97
N GLU A 69 -6.10 -3.95 20.03
CA GLU A 69 -4.99 -4.37 20.87
C GLU A 69 -3.65 -4.13 20.17
N LEU A 70 -3.72 -3.84 18.87
CA LEU A 70 -2.52 -3.62 18.07
C LEU A 70 -2.64 -2.31 17.30
N PRO A 71 -1.53 -1.65 17.03
CA PRO A 71 -1.59 -0.33 16.41
C PRO A 71 -1.98 -0.36 14.94
N LEU A 72 -2.63 0.71 14.47
CA LEU A 72 -2.87 0.81 13.04
C LEU A 72 -1.55 0.74 12.26
N MET A 73 -0.52 1.35 12.84
CA MET A 73 0.77 1.49 12.17
C MET A 73 1.92 0.94 13.00
N TRP A 74 2.98 0.55 12.31
CA TRP A 74 4.17 0.00 12.96
C TRP A 74 5.40 0.50 12.22
N GLN A 75 6.15 1.40 12.85
CA GLN A 75 7.27 2.06 12.20
C GLN A 75 8.63 1.67 12.76
N LEU A 76 9.45 1.07 11.90
CA LEU A 76 10.78 0.63 12.31
C LEU A 76 11.67 1.83 12.59
N TYR A 77 12.30 1.85 13.76
CA TYR A 77 13.08 2.99 14.23
C TYR A 77 14.59 2.76 14.07
N PRO A 78 15.43 3.77 14.22
CA PRO A 78 16.87 3.58 13.94
C PRO A 78 17.51 2.40 14.67
N LYS A 79 16.91 1.96 15.76
CA LYS A 79 17.49 0.89 16.55
C LYS A 79 16.81 -0.46 16.36
N ASP A 80 15.98 -0.63 15.34
CA ASP A 80 15.29 -1.89 15.06
C ASP A 80 14.15 -2.15 16.02
N ARG A 81 13.76 -1.13 16.80
CA ARG A 81 12.56 -1.28 17.62
C ARG A 81 11.37 -0.89 16.76
N TYR A 82 10.22 -1.55 16.90
CA TYR A 82 9.08 -1.02 16.14
C TYR A 82 8.30 -0.04 17.01
N ARG A 83 7.89 1.08 16.43
CA ARG A 83 7.06 1.99 17.21
C ARG A 83 5.61 1.91 16.71
N SER A 84 4.75 1.68 17.70
CA SER A 84 3.32 1.68 17.62
C SER A 84 2.77 3.02 17.18
N ALA A 85 1.71 3.04 16.38
CA ALA A 85 1.04 4.28 16.01
C ALA A 85 0.66 5.11 17.22
N ASP A 86 0.50 4.51 18.39
CA ASP A 86 0.23 5.25 19.62
C ASP A 86 1.46 5.33 20.51
N SER A 87 2.61 5.64 19.93
CA SER A 87 3.85 6.00 20.61
C SER A 87 4.45 4.90 21.48
N MET A 88 3.91 3.69 21.48
CA MET A 88 4.55 2.65 22.30
C MET A 88 5.69 2.03 21.51
N TYR A 89 6.61 1.31 22.15
CA TYR A 89 7.64 0.66 21.34
C TYR A 89 7.57 -0.86 21.46
N TRP A 90 7.73 -1.53 20.33
CA TRP A 90 7.66 -2.98 20.26
C TRP A 90 9.00 -3.59 19.86
N GLN A 91 9.48 -4.52 20.70
CA GLN A 91 10.74 -5.15 20.35
C GLN A 91 10.47 -6.19 19.27
N ILE A 92 11.45 -6.36 18.40
CA ILE A 92 11.52 -7.45 17.46
C ILE A 92 12.08 -8.67 18.20
N LEU A 93 11.27 -9.71 18.31
CA LEU A 93 11.67 -10.93 18.98
C LEU A 93 12.34 -11.88 18.00
N TYR A 94 11.80 -11.89 16.79
CA TYR A 94 12.41 -12.66 15.71
C TYR A 94 11.70 -12.33 14.39
N HIS A 95 12.39 -12.61 13.30
CA HIS A 95 11.91 -12.52 11.93
C HIS A 95 12.31 -13.81 11.21
N ILE A 96 12.01 -14.93 11.87
CA ILE A 96 12.43 -16.23 11.40
C ILE A 96 11.54 -16.81 10.30
N LYS A 97 12.00 -17.96 9.83
CA LYS A 97 11.32 -18.70 8.78
C LYS A 97 11.42 -20.20 9.08
N PHE A 98 10.29 -20.88 9.00
CA PHE A 98 10.23 -22.31 9.26
C PHE A 98 9.43 -23.03 8.17
N ARG A 99 10.16 -23.57 7.19
CA ARG A 99 9.58 -24.34 6.09
C ARG A 99 8.55 -23.53 5.30
N ASP A 100 9.07 -22.69 4.40
CA ASP A 100 8.27 -21.83 3.54
C ASP A 100 7.15 -21.14 4.33
N VAL A 101 7.49 -20.75 5.56
CA VAL A 101 6.60 -20.11 6.52
C VAL A 101 7.36 -19.00 7.26
N GLU A 102 7.02 -17.75 7.00
CA GLU A 102 7.79 -16.62 7.50
C GLU A 102 6.99 -15.78 8.49
N ASP A 103 7.44 -15.84 9.74
CA ASP A 103 6.78 -15.21 10.87
C ASP A 103 7.67 -14.20 11.59
N MET A 104 6.99 -13.24 12.20
CA MET A 104 7.48 -12.12 12.96
C MET A 104 6.82 -12.11 14.33
N LEU A 105 7.60 -12.11 15.40
CA LEU A 105 6.90 -12.01 16.68
C LEU A 105 7.36 -10.73 17.39
N LEU A 106 6.41 -9.81 17.58
CA LEU A 106 6.69 -8.56 18.27
C LEU A 106 6.23 -8.67 19.72
N GLU A 107 7.02 -8.07 20.61
CA GLU A 107 6.81 -8.02 22.05
C GLU A 107 6.77 -6.58 22.52
N LEU A 108 5.59 -6.06 22.80
CA LEU A 108 5.47 -4.68 23.28
C LEU A 108 6.01 -4.58 24.70
N ARG B 8 -12.22 23.20 -8.60
CA ARG B 8 -13.57 23.51 -9.04
C ARG B 8 -14.58 22.51 -8.50
N ALA B 9 -14.11 21.30 -8.23
CA ALA B 9 -14.90 20.17 -7.77
C ALA B 9 -14.00 19.11 -7.15
N GLU B 10 -13.74 19.27 -5.85
CA GLU B 10 -12.91 18.36 -5.09
C GLU B 10 -13.65 17.07 -4.76
N THR B 11 -13.19 15.96 -5.34
CA THR B 11 -13.81 14.66 -5.10
C THR B 11 -12.96 13.84 -4.13
N PRO B 12 -13.66 13.15 -3.24
CA PRO B 12 -13.09 12.56 -2.02
C PRO B 12 -12.78 11.07 -2.10
N ALA B 13 -13.55 10.34 -2.91
CA ALA B 13 -13.32 8.91 -3.06
C ALA B 13 -12.59 8.65 -4.37
N HIS B 14 -11.28 8.50 -4.28
CA HIS B 14 -10.40 8.28 -5.40
C HIS B 14 -10.09 6.82 -5.61
N PRO B 15 -9.57 6.43 -6.78
CA PRO B 15 -9.32 5.02 -7.02
C PRO B 15 -8.41 4.40 -5.97
N ASN B 16 -8.74 3.16 -5.63
CA ASN B 16 -7.99 2.36 -4.67
C ASN B 16 -6.98 1.51 -5.40
N ARG B 17 -7.15 1.41 -6.72
CA ARG B 17 -6.19 0.58 -7.46
C ARG B 17 -6.06 1.00 -8.92
N LEU B 18 -4.87 1.49 -9.26
CA LEU B 18 -4.56 1.78 -10.65
C LEU B 18 -3.74 0.66 -11.26
N TRP B 19 -4.30 0.05 -12.29
CA TRP B 19 -3.70 -1.01 -13.07
C TRP B 19 -3.18 -0.47 -14.41
N ILE B 20 -2.07 -1.00 -14.92
CA ILE B 20 -1.62 -0.54 -16.24
C ILE B 20 -2.18 -1.44 -17.33
N TRP B 21 -2.98 -0.84 -18.20
CA TRP B 21 -3.64 -1.62 -19.23
C TRP B 21 -2.74 -1.75 -20.44
N GLU B 22 -2.10 -0.62 -20.72
CA GLU B 22 -1.19 -0.51 -21.85
C GLU B 22 -0.12 0.50 -21.48
N LYS B 23 0.66 0.94 -22.48
CA LYS B 23 1.44 2.13 -22.14
C LYS B 23 0.41 3.26 -22.14
N HIS B 24 0.52 4.14 -21.16
CA HIS B 24 -0.33 5.32 -21.03
C HIS B 24 -1.81 5.01 -20.97
N VAL B 25 -2.19 3.91 -20.32
CA VAL B 25 -3.60 3.65 -20.04
C VAL B 25 -3.76 2.83 -18.76
N TYR B 26 -4.46 3.42 -17.80
CA TYR B 26 -4.69 2.74 -16.53
C TYR B 26 -6.18 2.52 -16.28
N LEU B 27 -6.45 1.54 -15.41
CA LEU B 27 -7.80 1.23 -14.96
C LEU B 27 -7.80 1.10 -13.44
N ASP B 28 -9.00 1.18 -12.88
CA ASP B 28 -9.26 1.03 -11.46
C ASP B 28 -10.29 -0.08 -11.24
N GLU B 29 -10.49 -0.50 -10.00
CA GLU B 29 -11.48 -1.44 -9.53
C GLU B 29 -12.79 -1.34 -10.30
N PHE B 30 -13.21 -0.13 -10.59
CA PHE B 30 -14.41 0.27 -11.29
C PHE B 30 -14.31 -0.01 -12.80
N ARG B 31 -13.18 -0.54 -13.24
CA ARG B 31 -12.86 -0.63 -14.64
C ARG B 31 -12.98 0.74 -15.30
N ARG B 32 -12.65 1.78 -14.54
CA ARG B 32 -12.59 3.14 -15.06
C ARG B 32 -11.24 3.42 -15.73
N SER B 33 -11.27 4.27 -16.73
CA SER B 33 -10.17 4.73 -17.54
C SER B 33 -9.44 5.94 -16.94
N TRP B 34 -8.15 5.82 -16.69
CA TRP B 34 -7.36 6.96 -16.23
C TRP B 34 -6.20 7.23 -17.17
N LEU B 35 -6.08 8.49 -17.57
CA LEU B 35 -5.16 8.87 -18.64
C LEU B 35 -4.08 9.84 -18.20
N PRO B 36 -2.83 9.37 -18.20
CA PRO B 36 -1.71 10.28 -17.89
C PRO B 36 -1.43 11.15 -19.11
N VAL B 37 -1.50 12.47 -18.97
CA VAL B 37 -1.21 13.26 -20.19
C VAL B 37 0.11 14.01 -20.02
N VAL B 38 0.39 14.38 -18.77
CA VAL B 38 1.61 15.10 -18.47
C VAL B 38 2.30 14.47 -17.26
N ILE B 39 3.62 14.44 -17.37
CA ILE B 39 4.50 14.09 -16.25
C ILE B 39 5.44 15.27 -16.03
N LYS B 40 5.58 15.75 -14.79
CA LYS B 40 6.39 16.95 -14.60
C LYS B 40 7.66 16.65 -13.82
N SER B 41 8.78 16.59 -14.54
CA SER B 41 10.06 16.25 -13.92
C SER B 41 10.66 17.48 -13.25
N ASN B 42 10.10 17.84 -12.10
CA ASN B 42 10.49 19.03 -11.36
C ASN B 42 11.85 18.84 -10.69
N GLU B 43 11.95 17.66 -10.12
CA GLU B 43 13.13 17.13 -9.43
C GLU B 43 12.77 15.66 -9.12
N LYS B 44 11.46 15.47 -9.03
CA LYS B 44 10.80 14.17 -8.98
C LYS B 44 9.52 14.21 -9.81
N PHE B 45 8.67 13.19 -9.65
CA PHE B 45 7.55 13.04 -10.58
C PHE B 45 6.24 13.68 -10.14
N GLN B 46 5.58 14.25 -11.13
CA GLN B 46 4.25 14.83 -11.11
C GLN B 46 3.43 14.17 -12.22
N VAL B 47 2.39 13.43 -11.85
CA VAL B 47 1.66 12.77 -12.93
C VAL B 47 0.19 13.16 -12.96
N ILE B 48 -0.17 13.78 -14.08
CA ILE B 48 -1.56 14.09 -14.36
C ILE B 48 -2.25 12.84 -14.89
N LEU B 49 -3.30 12.50 -14.17
CA LEU B 49 -4.17 11.38 -14.49
C LEU B 49 -5.58 11.92 -14.70
N ARG B 50 -6.22 11.51 -15.78
CA ARG B 50 -7.57 12.04 -16.03
C ARG B 50 -8.43 10.91 -16.60
N GLN B 51 -9.68 10.84 -16.14
CA GLN B 51 -10.62 9.80 -16.51
C GLN B 51 -11.23 10.06 -17.89
N GLU B 52 -11.38 9.01 -18.68
CA GLU B 52 -12.15 9.05 -19.91
C GLU B 52 -12.08 7.69 -20.60
N ASP B 53 -13.21 6.98 -20.60
CA ASP B 53 -13.16 5.61 -21.06
C ASP B 53 -12.89 5.51 -22.57
N VAL B 54 -11.97 4.61 -22.83
CA VAL B 54 -11.42 4.12 -24.06
C VAL B 54 -11.72 2.64 -24.26
N THR B 55 -12.31 2.26 -25.40
CA THR B 55 -12.59 0.84 -25.62
C THR B 55 -11.30 0.05 -25.51
N LEU B 56 -11.30 -1.02 -24.71
CA LEU B 56 -10.09 -1.81 -24.52
C LEU B 56 -10.40 -3.30 -24.35
N GLY B 57 -9.53 -4.10 -24.97
CA GLY B 57 -9.54 -5.54 -24.89
C GLY B 57 -8.36 -6.04 -24.04
N GLU B 58 -7.75 -7.13 -24.46
CA GLU B 58 -6.67 -7.84 -23.79
C GLU B 58 -5.70 -6.85 -23.17
N ALA B 59 -5.63 -6.82 -21.83
CA ALA B 59 -4.65 -5.88 -21.25
C ALA B 59 -3.24 -6.22 -21.73
N MET B 60 -2.29 -5.36 -21.42
CA MET B 60 -0.88 -5.52 -21.75
C MET B 60 -0.08 -6.21 -20.66
N SER B 61 0.96 -6.95 -21.05
CA SER B 61 1.90 -7.49 -20.07
C SER B 61 2.96 -6.44 -19.76
N PRO B 62 3.48 -6.47 -18.54
CA PRO B 62 4.54 -5.53 -18.14
C PRO B 62 5.67 -5.50 -19.16
N SER B 63 6.15 -6.69 -19.56
CA SER B 63 7.15 -6.70 -20.62
C SER B 63 6.56 -5.99 -21.84
N GLN B 64 5.34 -6.40 -22.15
CA GLN B 64 4.59 -5.90 -23.28
C GLN B 64 4.53 -4.37 -23.30
N LEU B 65 4.21 -3.74 -22.17
CA LEU B 65 4.11 -2.29 -22.13
C LEU B 65 5.48 -1.64 -22.07
N VAL B 66 6.52 -2.46 -22.02
CA VAL B 66 7.92 -2.07 -21.95
C VAL B 66 8.20 -1.16 -20.76
N PRO B 67 9.45 -1.15 -20.33
CA PRO B 67 9.98 -0.20 -19.34
C PRO B 67 9.37 1.18 -19.50
N TYR B 68 8.46 1.45 -18.58
CA TYR B 68 7.56 2.58 -18.58
C TYR B 68 8.14 3.77 -17.83
N GLU B 69 7.55 4.93 -18.06
CA GLU B 69 7.80 6.10 -17.22
C GLU B 69 7.04 5.83 -15.91
N LEU B 70 5.81 5.40 -16.15
CA LEU B 70 4.79 5.10 -15.15
C LEU B 70 4.91 3.66 -14.68
N PRO B 71 4.23 3.31 -13.59
CA PRO B 71 4.29 1.94 -13.08
C PRO B 71 3.22 1.02 -13.67
N LEU B 72 3.44 -0.27 -13.43
CA LEU B 72 2.48 -1.29 -13.85
C LEU B 72 1.19 -1.15 -13.06
N MET B 73 1.35 -0.83 -11.78
CA MET B 73 0.16 -0.70 -10.92
C MET B 73 0.40 0.25 -9.77
N TRP B 74 -0.58 1.11 -9.49
CA TRP B 74 -0.57 1.89 -8.26
C TRP B 74 -1.61 1.26 -7.34
N GLN B 75 -1.29 1.10 -6.07
CA GLN B 75 -2.32 0.57 -5.15
C GLN B 75 -2.34 1.44 -3.89
N LEU B 76 -3.54 1.88 -3.55
CA LEU B 76 -3.79 2.85 -2.49
C LEU B 76 -3.60 2.26 -1.11
N TYR B 77 -2.75 2.92 -0.31
CA TYR B 77 -2.52 2.47 1.06
C TYR B 77 -3.42 3.26 1.99
N PRO B 78 -3.68 2.70 3.17
CA PRO B 78 -4.53 3.37 4.15
C PRO B 78 -3.91 4.70 4.57
N LYS B 79 -2.58 4.80 4.46
CA LYS B 79 -1.84 5.97 4.89
C LYS B 79 -2.43 7.26 4.33
N ASP B 80 -2.63 7.34 3.03
CA ASP B 80 -3.09 8.51 2.32
C ASP B 80 -2.70 8.44 0.84
N ARG B 81 -1.93 7.40 0.50
CA ARG B 81 -1.17 7.39 -0.73
C ARG B 81 -1.21 6.07 -1.48
N TYR B 82 -0.82 6.14 -2.75
CA TYR B 82 -0.75 5.03 -3.66
C TYR B 82 0.66 4.42 -3.68
N ARG B 83 0.76 3.13 -3.37
CA ARG B 83 2.08 2.50 -3.52
C ARG B 83 2.25 2.03 -4.95
N SER B 84 3.42 2.31 -5.53
CA SER B 84 3.67 1.80 -6.88
C SER B 84 4.30 0.42 -6.83
N ALA B 85 4.20 -0.34 -7.91
CA ALA B 85 4.86 -1.63 -8.04
C ALA B 85 6.38 -1.47 -7.97
N ASP B 86 6.94 -0.99 -6.87
CA ASP B 86 8.36 -0.67 -6.81
C ASP B 86 8.72 -0.03 -5.48
N SER B 87 7.84 -0.19 -4.50
CA SER B 87 8.09 0.30 -3.15
C SER B 87 8.13 1.82 -3.12
N MET B 88 7.68 2.46 -4.19
CA MET B 88 7.57 3.92 -4.22
C MET B 88 6.18 4.31 -3.70
N TYR B 89 6.07 5.50 -3.12
CA TYR B 89 4.75 5.99 -2.71
C TYR B 89 4.45 7.31 -3.42
N TRP B 90 3.19 7.58 -3.71
CA TRP B 90 2.85 8.80 -4.45
C TRP B 90 1.81 9.65 -3.74
N GLN B 91 2.08 10.94 -3.56
CA GLN B 91 1.17 11.88 -2.94
C GLN B 91 0.07 12.29 -3.92
N ILE B 92 -1.14 11.79 -3.72
CA ILE B 92 -2.21 12.22 -4.63
C ILE B 92 -2.63 13.63 -4.24
N LEU B 93 -1.89 14.61 -4.75
CA LEU B 93 -2.10 15.98 -4.30
C LEU B 93 -3.46 16.53 -4.68
N TYR B 94 -4.09 16.07 -5.76
CA TYR B 94 -5.46 16.58 -5.95
C TYR B 94 -6.33 15.59 -6.75
N HIS B 95 -7.61 15.61 -6.43
CA HIS B 95 -8.67 14.88 -7.11
C HIS B 95 -9.84 15.79 -7.43
N ILE B 96 -10.14 16.02 -8.71
CA ILE B 96 -11.22 16.97 -9.00
C ILE B 96 -11.95 16.69 -10.32
N LYS B 97 -12.90 17.58 -10.58
CA LYS B 97 -13.70 17.56 -11.79
C LYS B 97 -13.99 18.98 -12.27
N PHE B 98 -13.61 19.32 -13.50
CA PHE B 98 -14.07 20.59 -14.06
C PHE B 98 -15.09 20.31 -15.17
N ARG B 99 -16.36 20.28 -14.76
CA ARG B 99 -17.42 19.97 -15.70
C ARG B 99 -17.29 18.51 -16.15
N ASP B 100 -17.64 17.57 -15.30
CA ASP B 100 -17.60 16.14 -15.57
C ASP B 100 -16.21 15.65 -15.93
N VAL B 101 -15.20 16.46 -15.59
CA VAL B 101 -13.82 16.25 -16.02
C VAL B 101 -12.94 15.88 -14.83
N GLU B 102 -12.81 14.58 -14.61
CA GLU B 102 -12.00 14.08 -13.50
C GLU B 102 -10.50 14.22 -13.78
N ASP B 103 -9.83 14.74 -12.78
CA ASP B 103 -8.39 14.94 -12.74
C ASP B 103 -7.87 14.60 -11.34
N MET B 104 -6.73 13.92 -11.30
CA MET B 104 -6.00 13.60 -10.10
C MET B 104 -4.52 13.84 -10.34
N LEU B 105 -3.82 14.29 -9.31
CA LEU B 105 -2.39 14.52 -9.43
C LEU B 105 -1.63 13.62 -8.46
N LEU B 106 -0.67 12.88 -9.03
CA LEU B 106 0.15 11.97 -8.25
C LEU B 106 1.60 12.40 -8.29
N GLU B 107 2.25 12.45 -7.12
CA GLU B 107 3.68 12.78 -7.12
C GLU B 107 4.45 11.84 -6.19
N LEU B 108 5.73 11.67 -6.43
CA LEU B 108 6.61 10.83 -5.59
C LEU B 108 6.95 11.52 -4.30
#